data_1ZSO
#
_entry.id   1ZSO
#
_cell.length_a   62.247
_cell.length_b   71.104
_cell.length_c   78.616
_cell.angle_alpha   90.00
_cell.angle_beta   90.00
_cell.angle_gamma   90.00
#
_symmetry.space_group_name_H-M   'P 21 21 21'
#
loop_
_entity.id
_entity.type
_entity.pdbx_description
1 polymer 'hypothetical protein'
2 water water
#
_entity_poly.entity_id   1
_entity_poly.type   'polypeptide(L)'
_entity_poly.pdbx_seq_one_letter_code
;(MSE)AHHHHHH(MSE)KNTVVRIKAELENVKRLFCDDEYLWIFNIRDSTSSLTRDNIQFRKTDILEIPNSRGTANF
(MSE)IKWTEYPKYSTINFVNTKNSCSYEEVNNNEWRDFASFECRGIELIDFFPSNNFIVEDTKGKLYYDVNLSDQNWCD
YNEEHE(MSE)CVGIYNLEYEVN
;
_entity_poly.pdbx_strand_id   A,B
#
# COMPACT_ATOMS: atom_id res chain seq x y z
N MSE A 9 -4.27 5.29 -24.57
CA MSE A 9 -4.06 5.42 -23.09
C MSE A 9 -4.01 6.88 -22.61
O MSE A 9 -3.21 7.68 -23.11
CB MSE A 9 -2.78 4.71 -22.64
CG MSE A 9 -3.06 3.35 -22.01
SE MSE A 9 -4.93 3.23 -21.31
CE MSE A 9 -4.90 4.53 -19.78
N LYS A 10 -4.88 7.20 -21.64
CA LYS A 10 -4.92 8.52 -21.04
C LYS A 10 -4.63 8.51 -19.52
N ASN A 11 -4.00 9.59 -19.07
CA ASN A 11 -3.82 9.90 -17.66
C ASN A 11 -5.15 10.25 -17.02
N THR A 12 -5.26 9.88 -15.76
CA THR A 12 -6.35 10.35 -14.88
C THR A 12 -5.76 11.58 -14.19
N VAL A 13 -6.58 12.62 -14.05
CA VAL A 13 -6.13 13.93 -13.61
C VAL A 13 -6.97 14.41 -12.43
N VAL A 14 -6.30 14.85 -11.37
CA VAL A 14 -6.95 15.53 -10.25
C VAL A 14 -6.88 17.01 -10.55
N ARG A 15 -8.05 17.64 -10.61
CA ARG A 15 -8.19 19.08 -10.82
C ARG A 15 -8.68 19.69 -9.54
N ILE A 16 -8.26 20.92 -9.25
CA ILE A 16 -8.79 21.63 -8.12
C ILE A 16 -9.10 23.06 -8.47
N LYS A 17 -9.75 23.73 -7.53
CA LYS A 17 -10.15 25.13 -7.68
C LYS A 17 -10.34 25.66 -6.26
N ALA A 18 -9.80 26.84 -5.96
CA ALA A 18 -10.01 27.51 -4.68
C ALA A 18 -9.91 29.03 -4.78
N GLU A 19 -10.49 29.68 -3.75
CA GLU A 19 -10.35 31.09 -3.50
C GLU A 19 -9.17 31.25 -2.60
N LEU A 20 -8.19 31.99 -3.09
CA LEU A 20 -6.95 32.25 -2.34
C LEU A 20 -6.99 33.64 -1.76
N GLU A 21 -6.49 33.81 -0.55
CA GLU A 21 -6.17 35.13 -0.07
C GLU A 21 -4.67 35.21 0.27
N ASN A 22 -3.98 36.17 -0.33
CA ASN A 22 -2.53 36.41 -0.12
C ASN A 22 -1.63 35.17 -0.21
N VAL A 23 -1.95 34.31 -1.17
CA VAL A 23 -1.25 33.06 -1.41
C VAL A 23 -0.57 33.20 -2.73
N LYS A 24 0.76 33.03 -2.73
CA LYS A 24 1.56 32.92 -3.94
C LYS A 24 1.36 31.53 -4.62
N ARG A 25 1.44 30.46 -3.85
CA ARG A 25 1.17 29.17 -4.40
C ARG A 25 0.80 28.21 -3.32
N LEU A 26 -0.06 27.26 -3.70
CA LEU A 26 -0.44 26.10 -2.91
C LEU A 26 0.22 24.96 -3.64
N PHE A 27 1.01 24.18 -2.93
CA PHE A 27 1.73 23.11 -3.55
C PHE A 27 1.89 21.93 -2.59
N CYS A 28 2.57 20.88 -3.05
CA CYS A 28 2.93 19.79 -2.19
C CYS A 28 4.16 19.10 -2.72
N ASP A 29 4.78 18.28 -1.87
CA ASP A 29 6.09 17.73 -2.14
C ASP A 29 6.02 16.22 -2.10
N ASP A 30 7.18 15.60 -2.07
CA ASP A 30 7.29 14.14 -2.05
C ASP A 30 6.48 13.43 -0.97
N GLU A 31 6.28 14.09 0.17
CA GLU A 31 5.71 13.43 1.35
C GLU A 31 4.17 13.43 1.31
N TYR A 32 3.62 14.17 0.34
CA TYR A 32 2.19 14.32 0.19
C TYR A 32 1.52 12.95 0.03
N LEU A 33 0.44 12.78 0.81
CA LEU A 33 -0.30 11.54 0.85
C LEU A 33 -1.47 11.56 -0.09
N TRP A 34 -1.39 10.76 -1.15
CA TRP A 34 -2.50 10.69 -2.08
C TRP A 34 -3.52 9.72 -1.53
N ILE A 35 -4.77 10.19 -1.48
CA ILE A 35 -5.86 9.41 -0.94
C ILE A 35 -7.00 9.39 -1.95
N PHE A 36 -7.39 8.16 -2.29
CA PHE A 36 -8.45 7.89 -3.27
C PHE A 36 -9.39 6.76 -2.86
N ASN A 37 -10.62 6.79 -3.38
CA ASN A 37 -11.47 5.61 -3.56
C ASN A 37 -11.36 5.20 -5.01
N ILE A 38 -11.24 3.90 -5.23
CA ILE A 38 -10.98 3.39 -6.55
C ILE A 38 -11.91 2.22 -6.86
N ARG A 39 -11.90 1.87 -8.14
CA ARG A 39 -12.75 0.86 -8.68
C ARG A 39 -11.97 0.06 -9.72
N ASP A 40 -12.29 -1.22 -9.81
CA ASP A 40 -11.74 -2.10 -10.82
C ASP A 40 -12.26 -1.59 -12.15
N SER A 41 -11.39 -1.47 -13.15
CA SER A 41 -11.80 -0.99 -14.46
C SER A 41 -12.61 -2.05 -15.25
N THR A 42 -12.62 -3.28 -14.74
CA THR A 42 -13.30 -4.40 -15.36
C THR A 42 -14.45 -5.07 -14.55
N SER A 43 -14.76 -4.52 -13.37
CA SER A 43 -15.80 -5.15 -12.54
C SER A 43 -16.37 -4.12 -11.60
N SER A 44 -17.34 -4.54 -10.80
CA SER A 44 -17.96 -3.70 -9.78
C SER A 44 -17.12 -3.52 -8.50
N LEU A 45 -16.00 -4.22 -8.39
CA LEU A 45 -15.19 -4.14 -7.18
C LEU A 45 -14.60 -2.76 -6.91
N THR A 46 -14.58 -2.36 -5.65
CA THR A 46 -14.04 -1.08 -5.29
C THR A 46 -13.15 -1.23 -4.07
N ARG A 47 -12.34 -0.21 -3.85
CA ARG A 47 -11.53 -0.13 -2.66
C ARG A 47 -11.48 1.35 -2.26
N ASP A 48 -11.85 1.61 -1.03
CA ASP A 48 -11.89 2.97 -0.49
C ASP A 48 -10.66 3.26 0.28
N ASN A 49 -10.31 4.54 0.31
CA ASN A 49 -9.26 5.07 1.16
C ASN A 49 -7.90 4.36 0.94
N ILE A 50 -7.50 4.12 -0.31
CA ILE A 50 -6.12 3.70 -0.58
C ILE A 50 -5.24 4.95 -0.41
N GLN A 51 -3.96 4.71 -0.09
CA GLN A 51 -3.04 5.75 0.32
C GLN A 51 -1.71 5.45 -0.30
N PHE A 52 -1.12 6.45 -0.94
CA PHE A 52 0.29 6.31 -1.41
C PHE A 52 0.98 7.67 -1.56
N ARG A 53 2.30 7.64 -1.62
CA ARG A 53 3.12 8.73 -2.07
C ARG A 53 3.71 8.40 -3.41
N LYS A 54 4.07 9.48 -4.11
CA LYS A 54 4.64 9.47 -5.45
C LYS A 54 6.03 8.87 -5.49
N THR A 55 6.62 8.71 -4.31
CA THR A 55 7.92 8.09 -4.16
C THR A 55 7.88 6.59 -3.81
N ASP A 56 6.69 6.06 -3.52
CA ASP A 56 6.55 4.60 -3.24
C ASP A 56 7.04 3.75 -4.42
N ILE A 57 7.75 2.69 -4.13
CA ILE A 57 8.30 1.83 -5.14
C ILE A 57 7.80 0.42 -4.85
N LEU A 58 6.90 -0.03 -5.72
CA LEU A 58 6.43 -1.40 -5.74
C LEU A 58 6.79 -1.99 -7.08
N GLU A 59 7.36 -3.17 -7.06
CA GLU A 59 7.80 -3.83 -8.27
C GLU A 59 6.65 -4.51 -8.96
N ILE A 60 6.44 -4.14 -10.23
CA ILE A 60 5.38 -4.72 -11.04
C ILE A 60 5.89 -5.98 -11.70
N PRO A 61 5.17 -7.09 -11.55
CA PRO A 61 5.47 -8.35 -12.19
C PRO A 61 5.44 -8.16 -13.68
N ASN A 62 6.27 -8.88 -14.40
CA ASN A 62 6.29 -8.78 -15.85
C ASN A 62 6.57 -7.38 -16.36
N SER A 63 7.39 -6.64 -15.63
CA SER A 63 7.86 -5.37 -16.12
C SER A 63 9.00 -4.79 -15.25
N ARG A 64 9.84 -3.97 -15.89
CA ARG A 64 10.94 -3.31 -15.20
C ARG A 64 10.40 -2.14 -14.42
N GLY A 65 9.16 -1.77 -14.71
CA GLY A 65 8.57 -0.61 -14.09
C GLY A 65 8.17 -0.83 -12.64
N THR A 66 8.02 0.27 -11.91
CA THR A 66 7.52 0.21 -10.57
C THR A 66 6.25 1.07 -10.52
N ALA A 67 5.49 0.90 -9.46
CA ALA A 67 4.22 1.54 -9.32
C ALA A 67 4.24 2.14 -7.94
N ASN A 68 3.41 3.15 -7.71
CA ASN A 68 3.26 3.77 -6.38
C ASN A 68 2.17 3.05 -5.63
N PHE A 69 1.25 2.47 -6.38
CA PHE A 69 0.18 1.68 -5.78
C PHE A 69 -0.20 0.49 -6.66
N MSE A 70 -0.39 -0.64 -6.02
CA MSE A 70 -1.00 -1.76 -6.71
C MSE A 70 -1.97 -2.60 -5.95
O MSE A 70 -2.00 -2.64 -4.73
CB MSE A 70 0.00 -2.69 -7.38
CG MSE A 70 1.33 -2.91 -6.79
SE MSE A 70 2.36 -4.02 -8.20
CE MSE A 70 1.03 -4.42 -9.33
N ILE A 71 -2.75 -3.33 -6.71
CA ILE A 71 -3.73 -4.19 -6.13
C ILE A 71 -3.96 -5.35 -7.07
N LYS A 72 -4.11 -6.52 -6.48
CA LYS A 72 -4.59 -7.72 -7.13
C LYS A 72 -6.08 -7.86 -6.79
N TRP A 73 -6.95 -7.55 -7.73
CA TRP A 73 -8.38 -7.47 -7.42
C TRP A 73 -9.06 -8.82 -7.11
N THR A 74 -8.62 -9.89 -7.78
CA THR A 74 -9.19 -11.22 -7.59
C THR A 74 -8.02 -12.19 -7.50
N GLU A 75 -8.30 -13.48 -7.41
CA GLU A 75 -7.21 -14.45 -7.35
C GLU A 75 -6.62 -14.79 -8.73
N TYR A 76 -7.21 -14.25 -9.80
CA TYR A 76 -6.55 -14.24 -11.10
C TYR A 76 -5.20 -13.51 -11.04
N PRO A 77 -4.13 -14.14 -11.57
CA PRO A 77 -2.77 -13.62 -11.47
C PRO A 77 -2.56 -12.35 -12.32
N LYS A 78 -3.00 -11.22 -11.82
CA LYS A 78 -2.97 -9.98 -12.56
C LYS A 78 -3.08 -8.81 -11.61
N TYR A 79 -2.14 -7.87 -11.74
CA TYR A 79 -2.00 -6.73 -10.82
C TYR A 79 -2.38 -5.46 -11.55
N SER A 80 -3.07 -4.59 -10.85
CA SER A 80 -3.49 -3.32 -11.39
C SER A 80 -2.72 -2.23 -10.63
N THR A 81 -2.55 -1.07 -11.26
CA THR A 81 -1.56 -0.13 -10.75
C THR A 81 -1.94 1.31 -10.94
N ILE A 82 -1.41 2.13 -10.03
CA ILE A 82 -1.40 3.58 -10.13
C ILE A 82 0.04 4.07 -10.01
N ASN A 83 0.43 4.97 -10.91
CA ASN A 83 1.70 5.67 -10.82
C ASN A 83 1.46 7.15 -11.02
N PHE A 84 2.02 7.97 -10.13
CA PHE A 84 2.10 9.43 -10.34
C PHE A 84 2.86 9.74 -11.61
N VAL A 85 2.33 10.67 -12.40
CA VAL A 85 2.99 11.10 -13.63
C VAL A 85 3.47 12.54 -13.42
N ASN A 86 4.77 12.79 -13.58
CA ASN A 86 5.25 14.17 -13.60
C ASN A 86 4.78 14.88 -14.88
N THR A 87 4.30 16.11 -14.73
CA THR A 87 3.78 16.95 -15.80
C THR A 87 4.18 18.37 -15.50
N LYS A 88 4.00 19.25 -16.48
CA LYS A 88 4.38 20.63 -16.29
C LYS A 88 3.65 21.26 -15.09
N ASN A 89 4.41 22.08 -14.37
CA ASN A 89 4.00 22.67 -13.06
C ASN A 89 3.06 21.81 -12.21
N SER A 90 3.23 20.49 -12.20
CA SER A 90 2.33 19.70 -11.40
C SER A 90 2.45 20.00 -9.89
N CYS A 91 1.33 19.79 -9.21
CA CYS A 91 1.23 19.92 -7.78
C CYS A 91 1.47 21.33 -7.30
N SER A 92 1.05 22.30 -8.10
CA SER A 92 1.19 23.69 -7.69
C SER A 92 0.02 24.45 -8.25
N TYR A 93 -0.64 25.23 -7.42
CA TYR A 93 -1.82 26.00 -7.80
C TYR A 93 -1.50 27.45 -7.43
N GLU A 94 -1.53 28.36 -8.42
CA GLU A 94 -0.92 29.69 -8.22
C GLU A 94 -1.88 30.85 -8.26
N GLU A 95 -1.43 31.97 -7.71
CA GLU A 95 -2.19 33.19 -7.63
C GLU A 95 -2.83 33.57 -8.94
N VAL A 96 -2.11 33.39 -10.02
CA VAL A 96 -2.61 33.80 -11.32
C VAL A 96 -3.90 33.06 -11.74
N ASN A 97 -4.09 31.85 -11.22
CA ASN A 97 -5.27 31.02 -11.49
C ASN A 97 -6.26 30.92 -10.32
N ASN A 98 -6.27 31.95 -9.49
CA ASN A 98 -7.21 32.09 -8.39
C ASN A 98 -8.64 31.90 -8.88
N ASN A 99 -9.39 31.05 -8.17
CA ASN A 99 -10.79 30.78 -8.47
C ASN A 99 -11.07 30.07 -9.80
N GLU A 100 -10.03 29.48 -10.40
CA GLU A 100 -10.18 28.75 -11.66
C GLU A 100 -9.91 27.24 -11.42
N TRP A 101 -10.51 26.40 -12.24
CA TRP A 101 -10.14 24.96 -12.26
C TRP A 101 -8.75 24.81 -12.89
N ARG A 102 -7.91 23.98 -12.29
CA ARG A 102 -6.60 23.69 -12.86
C ARG A 102 -6.24 22.25 -12.59
N ASP A 103 -5.57 21.63 -13.55
CA ASP A 103 -4.98 20.31 -13.39
C ASP A 103 -3.93 20.39 -12.32
N PHE A 104 -3.99 19.51 -11.34
CA PHE A 104 -3.09 19.60 -10.21
C PHE A 104 -2.13 18.44 -10.20
N ALA A 105 -2.61 17.25 -10.58
CA ALA A 105 -1.75 16.08 -10.64
C ALA A 105 -2.28 15.05 -11.60
N SER A 106 -1.36 14.29 -12.21
CA SER A 106 -1.72 13.21 -13.16
C SER A 106 -1.21 11.85 -12.72
N PHE A 107 -1.93 10.81 -13.20
CA PHE A 107 -1.80 9.45 -12.75
C PHE A 107 -2.06 8.53 -13.91
N GLU A 108 -1.10 7.64 -14.12
CA GLU A 108 -1.22 6.55 -15.05
C GLU A 108 -1.84 5.36 -14.28
N CYS A 109 -3.04 4.97 -14.68
CA CYS A 109 -3.82 3.93 -14.01
C CYS A 109 -4.07 2.76 -14.94
N ARG A 110 -3.80 1.54 -14.46
CA ARG A 110 -3.90 0.35 -15.28
C ARG A 110 -4.71 -0.67 -14.49
N GLY A 111 -5.92 -0.97 -14.94
CA GLY A 111 -6.80 -1.86 -14.24
C GLY A 111 -7.56 -1.23 -13.08
N ILE A 112 -7.44 0.09 -12.96
CA ILE A 112 -7.94 0.86 -11.84
C ILE A 112 -8.50 2.14 -12.40
N GLU A 113 -9.66 2.52 -11.91
CA GLU A 113 -10.30 3.82 -12.11
C GLU A 113 -10.32 4.53 -10.76
N LEU A 114 -9.77 5.76 -10.72
CA LEU A 114 -9.92 6.70 -9.58
C LEU A 114 -11.28 7.38 -9.55
N ILE A 115 -12.04 7.18 -8.49
CA ILE A 115 -13.43 7.57 -8.38
C ILE A 115 -13.59 8.84 -7.50
N ASP A 116 -12.95 8.86 -6.34
CA ASP A 116 -12.98 9.98 -5.41
C ASP A 116 -11.56 10.31 -4.97
N PHE A 117 -11.29 11.61 -4.90
CA PHE A 117 -10.08 12.16 -4.29
C PHE A 117 -10.36 12.80 -2.90
N PHE A 118 -9.39 12.70 -1.99
CA PHE A 118 -9.48 13.27 -0.65
C PHE A 118 -8.22 14.12 -0.37
N PRO A 119 -8.36 15.45 -0.42
CA PRO A 119 -7.16 16.18 -0.05
C PRO A 119 -6.68 15.83 1.35
N SER A 120 -5.37 15.77 1.55
CA SER A 120 -4.84 15.37 2.85
C SER A 120 -4.37 16.62 3.65
N ASN A 121 -3.57 16.44 4.69
CA ASN A 121 -3.12 17.60 5.47
C ASN A 121 -1.64 17.90 5.40
N ASN A 122 -0.98 17.49 4.35
CA ASN A 122 0.40 17.90 4.20
C ASN A 122 0.72 18.68 2.90
N PHE A 123 -0.23 19.55 2.53
CA PHE A 123 0.01 20.65 1.59
C PHE A 123 0.96 21.68 2.16
N ILE A 124 1.53 22.47 1.25
CA ILE A 124 2.43 23.57 1.57
C ILE A 124 1.86 24.84 0.94
N VAL A 125 2.01 25.97 1.59
CA VAL A 125 1.63 27.23 1.01
C VAL A 125 2.78 28.19 1.12
N GLU A 126 2.98 28.97 0.05
CA GLU A 126 3.85 30.12 0.10
C GLU A 126 2.99 31.36 -0.01
N ASP A 127 3.10 32.26 0.96
CA ASP A 127 2.27 33.45 0.91
C ASP A 127 2.95 34.49 0.02
N THR A 128 2.22 35.55 -0.27
CA THR A 128 2.67 36.54 -1.24
C THR A 128 3.82 37.37 -0.68
N LYS A 129 4.11 37.25 0.62
CA LYS A 129 5.28 37.90 1.15
C LYS A 129 6.45 36.91 1.36
N GLY A 130 6.42 35.78 0.69
CA GLY A 130 7.55 34.84 0.77
C GLY A 130 7.50 33.78 1.86
N LYS A 131 6.56 33.89 2.79
CA LYS A 131 6.51 32.93 3.93
C LYS A 131 5.91 31.54 3.57
N LEU A 132 6.46 30.47 4.15
CA LEU A 132 6.02 29.11 3.92
C LEU A 132 5.32 28.56 5.14
N TYR A 133 4.25 27.82 4.88
CA TYR A 133 3.46 27.17 5.89
C TYR A 133 3.44 25.72 5.53
N TYR A 134 3.87 24.88 6.47
CA TYR A 134 3.86 23.44 6.24
C TYR A 134 2.63 22.80 6.90
N ASP A 135 2.43 21.50 6.65
CA ASP A 135 1.29 20.72 7.20
C ASP A 135 -0.04 21.48 7.02
N VAL A 136 -0.24 22.01 5.83
CA VAL A 136 -1.47 22.68 5.53
C VAL A 136 -2.58 21.66 5.34
N ASN A 137 -3.56 21.77 6.20
CA ASN A 137 -4.62 20.84 6.26
C ASN A 137 -5.85 21.34 5.53
N LEU A 138 -6.12 20.71 4.40
CA LEU A 138 -7.26 21.06 3.56
C LEU A 138 -8.20 19.89 3.43
N SER A 139 -8.04 18.90 4.30
CA SER A 139 -8.95 17.78 4.27
C SER A 139 -10.40 18.23 4.57
N ASP A 140 -10.56 19.41 5.17
CA ASP A 140 -11.87 20.01 5.46
C ASP A 140 -12.12 21.22 4.54
N GLN A 141 -11.34 21.29 3.48
CA GLN A 141 -11.52 22.24 2.35
C GLN A 141 -11.25 23.74 2.58
N ASN A 142 -10.75 24.10 3.76
CA ASN A 142 -10.44 25.46 4.08
C ASN A 142 -9.25 25.47 5.04
N TRP A 143 -8.49 26.53 4.93
CA TRP A 143 -7.30 26.74 5.73
C TRP A 143 -7.04 28.24 5.75
N CYS A 144 -6.53 28.68 6.89
CA CYS A 144 -5.95 29.99 6.96
C CYS A 144 -4.86 30.00 8.01
N ASP A 145 -4.09 31.06 7.93
CA ASP A 145 -3.02 31.33 8.86
C ASP A 145 -2.77 32.86 8.77
N TYR A 146 -1.65 33.33 9.29
CA TYR A 146 -1.44 34.76 9.37
C TYR A 146 0.04 35.08 9.27
N ASN A 147 0.37 36.13 8.54
CA ASN A 147 1.76 36.57 8.45
C ASN A 147 1.98 37.75 9.41
N GLU A 148 2.64 37.48 10.53
CA GLU A 148 2.77 38.46 11.62
C GLU A 148 3.58 39.70 11.25
N GLU A 149 4.73 39.43 10.62
CA GLU A 149 5.69 40.44 10.21
C GLU A 149 5.00 41.43 9.28
N HIS A 150 4.14 40.93 8.41
CA HIS A 150 3.51 41.75 7.38
C HIS A 150 2.05 42.02 7.69
N GLU A 151 1.60 41.57 8.88
CA GLU A 151 0.24 41.81 9.34
C GLU A 151 -0.81 41.42 8.29
N MSE A 152 -0.62 40.28 7.63
CA MSE A 152 -1.64 39.88 6.64
C MSE A 152 -2.22 38.47 6.80
O MSE A 152 -1.54 37.48 7.10
CB MSE A 152 -1.16 40.14 5.21
CG MSE A 152 -0.13 39.19 4.71
SE MSE A 152 0.17 39.32 2.76
CE MSE A 152 1.19 37.57 2.81
N CYS A 153 -3.53 38.42 6.59
CA CYS A 153 -4.26 37.16 6.56
C CYS A 153 -4.00 36.40 5.26
N VAL A 154 -3.83 35.11 5.43
CA VAL A 154 -3.47 34.22 4.34
C VAL A 154 -4.48 33.08 4.35
N GLY A 155 -5.11 32.77 3.23
CA GLY A 155 -6.01 31.64 3.26
C GLY A 155 -6.42 30.97 1.95
N ILE A 156 -6.99 29.78 2.09
CA ILE A 156 -7.55 28.99 0.97
C ILE A 156 -8.94 28.54 1.40
N TYR A 157 -9.93 29.01 0.66
CA TYR A 157 -11.32 28.81 1.05
C TYR A 157 -12.12 28.11 -0.04
N ASN A 158 -13.01 27.24 0.40
CA ASN A 158 -13.92 26.51 -0.46
C ASN A 158 -13.20 25.75 -1.55
N LEU A 159 -12.16 25.01 -1.15
CA LEU A 159 -11.48 24.15 -2.09
C LEU A 159 -12.48 23.20 -2.75
N GLU A 160 -12.39 23.09 -4.05
CA GLU A 160 -13.19 22.12 -4.81
C GLU A 160 -12.24 21.31 -5.63
N TYR A 161 -12.69 20.12 -6.04
CA TYR A 161 -11.78 19.11 -6.58
C TYR A 161 -12.60 18.04 -7.25
N GLU A 162 -11.93 17.35 -8.15
CA GLU A 162 -12.52 16.26 -8.89
C GLU A 162 -11.35 15.45 -9.44
N VAL A 163 -11.63 14.24 -9.88
CA VAL A 163 -10.64 13.39 -10.49
C VAL A 163 -11.34 12.63 -11.61
N ASN A 164 -10.71 12.53 -12.78
CA ASN A 164 -11.26 11.71 -13.84
C ASN A 164 -10.30 11.53 -15.00
N HIS B 6 5.92 7.69 18.61
CA HIS B 6 4.43 7.64 18.28
C HIS B 6 3.84 6.24 18.44
N HIS B 7 4.68 5.22 18.61
CA HIS B 7 4.18 3.85 18.70
C HIS B 7 4.91 3.00 19.76
N HIS B 8 4.30 1.88 20.12
CA HIS B 8 5.07 0.78 20.66
C HIS B 8 5.20 -0.23 19.49
N MSE B 9 6.43 -0.61 19.19
CA MSE B 9 6.64 -1.57 18.12
C MSE B 9 6.44 -2.95 18.71
O MSE B 9 6.97 -3.25 19.79
CB MSE B 9 8.02 -1.40 17.51
CG MSE B 9 8.37 -2.37 16.40
SE MSE B 9 9.06 -4.09 17.16
CE MSE B 9 10.69 -3.40 18.29
N LYS B 10 5.66 -3.77 18.02
CA LYS B 10 5.42 -5.17 18.37
C LYS B 10 6.03 -6.11 17.30
N ASN B 11 6.69 -7.18 17.75
CA ASN B 11 7.12 -8.19 16.81
C ASN B 11 6.07 -9.33 16.67
N THR B 12 5.60 -9.59 15.45
CA THR B 12 4.48 -10.52 15.21
C THR B 12 4.84 -11.71 14.30
N VAL B 13 4.57 -12.93 14.75
CA VAL B 13 4.97 -14.12 14.00
C VAL B 13 3.79 -14.81 13.31
N VAL B 14 3.98 -15.27 12.09
CA VAL B 14 3.01 -16.15 11.46
C VAL B 14 3.56 -17.56 11.56
N ARG B 15 2.80 -18.45 12.18
CA ARG B 15 3.16 -19.85 12.30
C ARG B 15 2.26 -20.68 11.43
N ILE B 16 2.85 -21.67 10.76
CA ILE B 16 2.07 -22.61 10.01
C ILE B 16 2.36 -24.07 10.40
N LYS B 17 1.41 -24.90 9.98
CA LYS B 17 1.42 -26.35 10.19
C LYS B 17 0.68 -26.99 8.99
N ALA B 18 1.21 -28.05 8.43
CA ALA B 18 0.53 -28.72 7.35
C ALA B 18 1.08 -30.12 7.28
N GLU B 19 0.23 -31.01 6.78
CA GLU B 19 0.53 -32.42 6.61
C GLU B 19 1.09 -32.64 5.19
N LEU B 20 2.24 -33.28 5.11
CA LEU B 20 3.05 -33.33 3.89
C LEU B 20 3.10 -34.71 3.31
N GLU B 21 2.87 -34.75 2.00
CA GLU B 21 2.98 -35.96 1.22
C GLU B 21 4.02 -35.70 0.11
N ASN B 22 5.17 -36.33 0.24
CA ASN B 22 6.14 -36.35 -0.85
C ASN B 22 6.64 -34.93 -1.21
N VAL B 23 6.63 -34.08 -0.19
CA VAL B 23 7.12 -32.71 -0.27
C VAL B 23 8.44 -32.53 0.48
N LYS B 24 9.40 -31.86 -0.13
CA LYS B 24 10.67 -31.65 0.55
C LYS B 24 10.62 -30.30 1.27
N ARG B 25 10.02 -29.31 0.62
CA ARG B 25 9.81 -28.02 1.24
C ARG B 25 8.73 -27.26 0.52
N LEU B 26 8.01 -26.48 1.32
CA LEU B 26 7.06 -25.49 0.88
C LEU B 26 7.73 -24.18 1.22
N PHE B 27 7.65 -23.21 0.32
CA PHE B 27 8.28 -21.92 0.58
C PHE B 27 7.73 -20.89 -0.34
N CYS B 28 8.13 -19.63 -0.13
CA CYS B 28 7.79 -18.57 -1.05
C CYS B 28 8.96 -17.63 -1.34
N ASP B 29 8.81 -16.80 -2.37
CA ASP B 29 9.90 -15.93 -2.80
C ASP B 29 9.57 -14.46 -2.51
N ASP B 30 10.29 -13.54 -3.15
CA ASP B 30 10.11 -12.11 -2.96
C ASP B 30 8.82 -11.59 -3.57
N GLU B 31 8.30 -12.31 -4.56
CA GLU B 31 7.03 -12.01 -5.19
C GLU B 31 5.83 -12.34 -4.26
N TYR B 32 6.06 -13.11 -3.20
CA TYR B 32 4.96 -13.58 -2.41
C TYR B 32 4.07 -12.40 -1.97
N LEU B 33 2.77 -12.62 -2.15
CA LEU B 33 1.77 -11.60 -1.79
C LEU B 33 1.25 -11.79 -0.38
N TRP B 34 1.72 -10.95 0.56
CA TRP B 34 1.18 -11.03 1.95
C TRP B 34 -0.17 -10.33 2.02
N ILE B 35 -1.11 -11.00 2.67
CA ILE B 35 -2.53 -10.58 2.76
C ILE B 35 -2.98 -10.72 4.23
N PHE B 36 -3.55 -9.65 4.74
CA PHE B 36 -3.95 -9.66 6.16
C PHE B 36 -5.20 -8.88 6.31
N ASN B 37 -5.96 -9.24 7.33
CA ASN B 37 -6.83 -8.30 7.95
C ASN B 37 -6.11 -7.69 9.16
N ILE B 38 -6.16 -6.36 9.23
CA ILE B 38 -5.54 -5.60 10.31
C ILE B 38 -6.50 -4.74 11.11
N ARG B 39 -5.99 -4.26 12.24
CA ARG B 39 -6.69 -3.34 13.11
C ARG B 39 -5.73 -2.26 13.64
N ASP B 40 -6.28 -1.09 13.85
CA ASP B 40 -5.57 -0.01 14.51
C ASP B 40 -5.30 -0.43 15.96
N SER B 41 -4.03 -0.35 16.36
CA SER B 41 -3.64 -0.74 17.71
C SER B 41 -4.12 0.28 18.73
N THR B 42 -4.52 1.46 18.26
CA THR B 42 -5.01 2.50 19.17
C THR B 42 -6.47 2.92 18.94
N SER B 43 -7.26 2.17 18.15
CA SER B 43 -8.68 2.51 17.97
C SER B 43 -9.43 1.26 17.52
N SER B 44 -10.71 1.41 17.21
CA SER B 44 -11.58 0.35 16.74
C SER B 44 -11.50 0.11 15.22
N LEU B 45 -10.85 1.01 14.49
CA LEU B 45 -10.68 0.89 13.04
C LEU B 45 -9.97 -0.40 12.56
N THR B 46 -10.46 -0.93 11.46
CA THR B 46 -9.94 -2.17 10.86
C THR B 46 -9.80 -1.95 9.37
N ARG B 47 -8.96 -2.76 8.72
CA ARG B 47 -8.82 -2.75 7.27
C ARG B 47 -8.66 -4.20 6.82
N ASP B 48 -9.54 -4.68 5.93
CA ASP B 48 -9.48 -6.05 5.42
C ASP B 48 -8.64 -6.15 4.17
N ASN B 49 -7.94 -7.26 4.03
CA ASN B 49 -7.32 -7.62 2.75
C ASN B 49 -6.32 -6.58 2.31
N ILE B 50 -5.41 -6.21 3.21
CA ILE B 50 -4.33 -5.40 2.78
C ILE B 50 -3.41 -6.34 2.11
N GLN B 51 -2.66 -5.81 1.15
CA GLN B 51 -1.74 -6.63 0.36
C GLN B 51 -0.35 -5.96 0.26
N PHE B 52 0.67 -6.75 0.39
CA PHE B 52 2.02 -6.17 0.21
C PHE B 52 3.02 -7.25 -0.02
N ARG B 53 4.18 -6.87 -0.57
CA ARG B 53 5.37 -7.74 -0.71
C ARG B 53 6.54 -7.25 0.11
N LYS B 54 7.43 -8.17 0.50
CA LYS B 54 8.57 -7.83 1.37
C LYS B 54 9.57 -6.89 0.65
N THR B 55 9.39 -6.69 -0.64
CA THR B 55 10.31 -5.88 -1.44
C THR B 55 9.77 -4.47 -1.60
N ASP B 56 8.51 -4.25 -1.19
CA ASP B 56 7.88 -2.92 -1.33
C ASP B 56 8.63 -1.90 -0.47
N ILE B 57 8.88 -0.71 -1.03
CA ILE B 57 9.68 0.33 -0.33
C ILE B 57 8.86 1.60 -0.18
N LEU B 58 8.40 1.86 1.05
CA LEU B 58 7.64 3.07 1.38
C LEU B 58 8.41 3.90 2.39
N GLU B 59 8.71 5.14 2.01
CA GLU B 59 9.47 6.04 2.85
C GLU B 59 8.53 6.61 3.91
N ILE B 60 8.91 6.43 5.17
CA ILE B 60 8.13 6.92 6.30
C ILE B 60 8.42 8.40 6.58
N PRO B 61 7.36 9.20 6.68
CA PRO B 61 7.52 10.63 7.02
C PRO B 61 8.07 10.84 8.43
N ASN B 62 8.93 11.85 8.58
CA ASN B 62 9.68 12.06 9.83
C ASN B 62 10.37 10.78 10.35
N SER B 63 11.02 10.10 9.43
CA SER B 63 11.84 8.98 9.75
C SER B 63 12.77 8.80 8.56
N ARG B 64 13.91 8.16 8.81
CA ARG B 64 14.84 7.79 7.74
C ARG B 64 14.53 6.37 7.29
N GLY B 65 13.71 5.67 8.03
CA GLY B 65 13.35 4.30 7.70
C GLY B 65 12.27 4.15 6.65
N THR B 66 12.08 2.91 6.23
CA THR B 66 11.12 2.57 5.19
C THR B 66 10.20 1.47 5.70
N ALA B 67 9.06 1.24 5.03
CA ALA B 67 8.13 0.17 5.37
C ALA B 67 7.62 -0.53 4.11
N ASN B 68 7.14 -1.75 4.31
CA ASN B 68 6.55 -2.57 3.26
C ASN B 68 5.06 -2.25 3.11
N PHE B 69 4.45 -1.87 4.25
CA PHE B 69 3.07 -1.39 4.30
C PHE B 69 2.91 -0.25 5.31
N MSE B 70 2.10 0.72 4.92
CA MSE B 70 1.76 1.85 5.77
C MSE B 70 0.27 2.28 5.69
O MSE B 70 -0.39 2.10 4.68
CB MSE B 70 2.56 3.09 5.36
CG MSE B 70 3.95 3.21 5.90
SE MSE B 70 4.41 5.18 5.77
CE MSE B 70 4.91 5.22 3.92
N ILE B 71 -0.20 2.87 6.77
CA ILE B 71 -1.54 3.39 6.81
C ILE B 71 -1.56 4.57 7.78
N LYS B 72 -2.27 5.61 7.40
CA LYS B 72 -2.57 6.73 8.26
C LYS B 72 -4.06 6.54 8.64
N TRP B 73 -4.24 5.96 9.83
CA TRP B 73 -5.53 5.52 10.32
C TRP B 73 -6.56 6.63 10.41
N THR B 74 -6.11 7.83 10.79
CA THR B 74 -7.02 8.96 10.93
C THR B 74 -6.44 10.28 10.34
N GLU B 75 -7.26 11.33 10.33
CA GLU B 75 -6.78 12.66 9.94
C GLU B 75 -5.63 13.21 10.80
N TYR B 76 -5.22 12.52 11.86
CA TYR B 76 -4.13 13.01 12.68
C TYR B 76 -2.79 12.43 12.21
N PRO B 77 -1.68 13.10 12.55
CA PRO B 77 -0.47 12.86 11.76
C PRO B 77 0.42 11.72 12.24
N LYS B 78 -0.19 10.58 12.56
CA LYS B 78 0.54 9.37 12.93
C LYS B 78 0.43 8.30 11.84
N TYR B 79 1.58 7.80 11.41
CA TYR B 79 1.66 6.79 10.35
C TYR B 79 1.97 5.43 10.96
N SER B 80 1.27 4.40 10.51
CA SER B 80 1.39 3.08 11.09
C SER B 80 1.96 2.15 10.01
N THR B 81 2.81 1.22 10.41
CA THR B 81 3.66 0.50 9.47
C THR B 81 3.75 -1.01 9.78
N ILE B 82 3.97 -1.78 8.72
CA ILE B 82 4.42 -3.18 8.80
C ILE B 82 5.71 -3.36 8.00
N ASN B 83 6.66 -4.03 8.59
CA ASN B 83 7.88 -4.48 7.89
C ASN B 83 8.06 -5.96 8.13
N PHE B 84 8.20 -6.71 7.03
CA PHE B 84 8.72 -8.07 7.04
C PHE B 84 10.14 -8.05 7.59
N VAL B 85 10.43 -9.01 8.46
CA VAL B 85 11.70 -9.10 9.10
C VAL B 85 12.45 -10.26 8.47
N ASN B 86 13.61 -9.97 7.89
CA ASN B 86 14.45 -11.02 7.29
C ASN B 86 15.08 -11.85 8.42
N THR B 87 14.66 -13.11 8.53
CA THR B 87 15.33 -14.09 9.41
C THR B 87 15.83 -15.21 8.52
N LYS B 88 16.85 -15.95 8.90
CA LYS B 88 17.38 -16.93 7.97
C LYS B 88 16.49 -18.16 7.99
N ASN B 89 16.42 -18.84 6.84
CA ASN B 89 15.37 -19.81 6.56
C ASN B 89 13.97 -19.36 7.02
N SER B 90 13.68 -18.08 6.87
CA SER B 90 12.33 -17.61 6.95
C SER B 90 11.58 -18.23 5.76
N CYS B 91 10.27 -18.33 5.90
CA CYS B 91 9.39 -18.67 4.80
C CYS B 91 9.67 -20.00 4.17
N SER B 92 10.04 -20.99 4.99
CA SER B 92 10.28 -22.35 4.53
C SER B 92 9.67 -23.33 5.56
N TYR B 93 9.04 -24.41 5.07
CA TYR B 93 8.52 -25.49 5.89
C TYR B 93 8.94 -26.79 5.22
N GLU B 94 9.57 -27.65 5.97
CA GLU B 94 10.32 -28.73 5.36
C GLU B 94 9.79 -30.08 5.82
N GLU B 95 10.17 -31.12 5.12
CA GLU B 95 9.71 -32.48 5.42
C GLU B 95 9.79 -32.78 6.92
N VAL B 96 10.91 -32.43 7.52
CA VAL B 96 11.15 -32.72 8.91
C VAL B 96 10.11 -32.07 9.84
N ASN B 97 9.48 -30.98 9.39
CA ASN B 97 8.47 -30.28 10.20
C ASN B 97 7.07 -30.83 9.96
N ASN B 98 6.99 -31.92 9.21
CA ASN B 98 5.71 -32.48 8.86
C ASN B 98 4.76 -32.60 10.07
N ASN B 99 3.63 -31.92 9.92
CA ASN B 99 2.59 -31.87 10.97
C ASN B 99 2.98 -31.21 12.29
N GLU B 100 4.02 -30.37 12.27
CA GLU B 100 4.41 -29.63 13.46
C GLU B 100 4.23 -28.15 13.17
N TRP B 101 3.81 -27.41 14.18
CA TRP B 101 3.79 -25.93 14.12
C TRP B 101 5.21 -25.41 13.89
N ARG B 102 5.34 -24.33 13.13
CA ARG B 102 6.66 -23.77 12.87
C ARG B 102 6.51 -22.28 12.47
N ASP B 103 7.37 -21.45 13.06
CA ASP B 103 7.48 -20.07 12.68
C ASP B 103 7.78 -19.97 11.20
N PHE B 104 7.00 -19.16 10.49
CA PHE B 104 7.11 -19.06 9.06
C PHE B 104 7.64 -17.71 8.63
N ALA B 105 7.17 -16.64 9.29
CA ALA B 105 7.56 -15.28 8.91
C ALA B 105 7.30 -14.36 10.08
N SER B 106 8.19 -13.39 10.30
CA SER B 106 7.96 -12.40 11.35
C SER B 106 7.80 -11.00 10.76
N PHE B 107 7.02 -10.16 11.46
CA PHE B 107 6.78 -8.77 11.07
C PHE B 107 6.89 -7.80 12.24
N GLU B 108 7.58 -6.68 12.04
CA GLU B 108 7.47 -5.53 12.93
C GLU B 108 6.30 -4.68 12.54
N CYS B 109 5.43 -4.49 13.50
CA CYS B 109 4.24 -3.70 13.35
C CYS B 109 4.25 -2.54 14.32
N ARG B 110 4.08 -1.32 13.82
CA ARG B 110 4.00 -0.13 14.65
C ARG B 110 2.67 0.59 14.38
N GLY B 111 1.77 0.52 15.33
CA GLY B 111 0.46 1.11 15.17
C GLY B 111 -0.55 0.19 14.50
N ILE B 112 -0.18 -1.05 14.32
CA ILE B 112 -1.02 -1.98 13.56
C ILE B 112 -0.97 -3.35 14.25
N GLU B 113 -2.12 -4.01 14.36
CA GLU B 113 -2.23 -5.46 14.72
C GLU B 113 -2.66 -6.35 13.57
N LEU B 114 -1.88 -7.39 13.32
CA LEU B 114 -2.20 -8.42 12.35
C LEU B 114 -3.26 -9.30 12.96
N ILE B 115 -4.47 -9.33 12.37
CA ILE B 115 -5.58 -10.09 12.94
C ILE B 115 -5.68 -11.49 12.26
N ASP B 116 -5.87 -11.46 10.94
CA ASP B 116 -6.11 -12.64 10.14
C ASP B 116 -5.11 -12.64 9.01
N PHE B 117 -4.53 -13.81 8.74
CA PHE B 117 -3.63 -14.05 7.64
C PHE B 117 -4.37 -14.87 6.58
N PHE B 118 -4.08 -14.57 5.32
CA PHE B 118 -4.65 -15.28 4.21
C PHE B 118 -3.57 -15.78 3.29
N PRO B 119 -3.30 -17.08 3.31
CA PRO B 119 -2.35 -17.62 2.36
C PRO B 119 -2.81 -17.34 0.95
N SER B 120 -1.85 -17.05 0.07
CA SER B 120 -2.17 -16.63 -1.26
C SER B 120 -1.87 -17.81 -2.17
N ASN B 121 -1.68 -17.55 -3.45
CA ASN B 121 -1.36 -18.63 -4.38
C ASN B 121 -0.08 -18.40 -5.12
N ASN B 122 0.91 -17.84 -4.44
CA ASN B 122 2.24 -17.79 -5.02
C ASN B 122 3.22 -18.62 -4.18
N PHE B 123 2.79 -19.73 -3.64
CA PHE B 123 3.76 -20.60 -2.95
C PHE B 123 4.51 -21.42 -3.97
N ILE B 124 5.65 -21.95 -3.55
CA ILE B 124 6.51 -22.77 -4.37
C ILE B 124 6.67 -24.05 -3.56
N VAL B 125 6.61 -25.18 -4.25
CA VAL B 125 6.87 -26.46 -3.63
C VAL B 125 7.94 -27.21 -4.41
N GLU B 126 8.88 -27.79 -3.67
CA GLU B 126 9.80 -28.79 -4.22
C GLU B 126 9.34 -30.12 -3.67
N ASP B 127 9.27 -31.16 -4.51
CA ASP B 127 8.94 -32.50 -4.01
C ASP B 127 10.21 -33.29 -3.75
N THR B 128 10.08 -34.48 -3.18
CA THR B 128 11.23 -35.24 -2.73
C THR B 128 12.13 -35.70 -3.88
N LYS B 129 11.58 -35.71 -5.10
CA LYS B 129 12.33 -36.02 -6.31
C LYS B 129 12.87 -34.74 -6.96
N GLY B 130 12.76 -33.63 -6.27
CA GLY B 130 13.44 -32.40 -6.63
C GLY B 130 12.79 -31.48 -7.64
N LYS B 131 11.57 -31.80 -8.09
CA LYS B 131 10.93 -30.94 -9.09
C LYS B 131 10.06 -29.91 -8.40
N LEU B 132 9.94 -28.75 -9.04
CA LEU B 132 9.38 -27.57 -8.41
C LEU B 132 8.01 -27.28 -8.96
N TYR B 133 7.12 -26.84 -8.10
CA TYR B 133 5.77 -26.49 -8.53
C TYR B 133 5.57 -25.04 -8.15
N TYR B 134 5.07 -24.28 -9.12
CA TYR B 134 4.82 -22.86 -8.95
C TYR B 134 3.33 -22.55 -8.83
N ASP B 135 3.05 -21.30 -8.47
CA ASP B 135 1.67 -20.86 -8.37
C ASP B 135 0.89 -21.88 -7.54
N VAL B 136 1.52 -22.38 -6.48
CA VAL B 136 0.89 -23.33 -5.58
C VAL B 136 -0.14 -22.57 -4.74
N ASN B 137 -1.39 -22.98 -4.89
CA ASN B 137 -2.50 -22.27 -4.29
C ASN B 137 -2.87 -22.88 -2.97
N LEU B 138 -2.72 -22.10 -1.90
CA LEU B 138 -3.06 -22.60 -0.58
C LEU B 138 -4.11 -21.71 0.07
N SER B 139 -4.76 -20.85 -0.71
CA SER B 139 -5.84 -20.08 -0.15
C SER B 139 -6.95 -20.99 0.37
N ASP B 140 -7.11 -22.18 -0.21
CA ASP B 140 -8.11 -23.15 0.30
C ASP B 140 -7.50 -24.22 1.26
N GLN B 141 -6.23 -24.02 1.60
CA GLN B 141 -5.52 -24.71 2.68
C GLN B 141 -5.00 -26.08 2.28
N ASN B 142 -5.13 -26.43 1.00
CA ASN B 142 -4.89 -27.80 0.53
C ASN B 142 -4.38 -27.72 -0.91
N TRP B 143 -3.47 -28.60 -1.27
CA TRP B 143 -2.94 -28.60 -2.62
C TRP B 143 -2.28 -29.90 -2.91
N CYS B 144 -2.48 -30.40 -4.14
CA CYS B 144 -1.74 -31.53 -4.62
C CYS B 144 -1.43 -31.44 -6.10
N ASP B 145 -0.45 -32.24 -6.50
CA ASP B 145 -0.06 -32.40 -7.88
C ASP B 145 0.45 -33.83 -7.99
N TYR B 146 0.89 -34.19 -9.19
CA TYR B 146 1.32 -35.55 -9.49
C TYR B 146 2.65 -35.41 -10.20
N ASN B 147 3.65 -36.11 -9.72
CA ASN B 147 4.92 -36.21 -10.44
C ASN B 147 4.79 -37.32 -11.49
N GLU B 148 4.61 -36.91 -12.75
CA GLU B 148 4.47 -37.85 -13.85
C GLU B 148 5.76 -38.63 -14.06
N GLU B 149 6.89 -37.96 -13.85
CA GLU B 149 8.22 -38.57 -14.09
C GLU B 149 8.41 -39.83 -13.25
N HIS B 150 8.05 -39.74 -11.97
CA HIS B 150 8.19 -40.86 -11.05
C HIS B 150 6.84 -41.43 -10.62
N GLU B 151 5.76 -40.98 -11.25
CA GLU B 151 4.40 -41.45 -10.92
C GLU B 151 4.07 -41.30 -9.41
N MSE B 152 4.13 -40.06 -8.92
CA MSE B 152 4.14 -39.82 -7.47
C MSE B 152 3.22 -38.68 -7.09
O MSE B 152 3.36 -37.57 -7.57
CB MSE B 152 5.58 -39.49 -7.02
CG MSE B 152 5.71 -39.10 -5.54
SE MSE B 152 7.61 -38.94 -4.98
CE MSE B 152 7.99 -37.07 -5.52
N CYS B 153 2.28 -38.96 -6.19
CA CYS B 153 1.40 -37.91 -5.68
C CYS B 153 2.21 -37.03 -4.72
N VAL B 154 2.01 -35.73 -4.86
CA VAL B 154 2.62 -34.72 -3.99
C VAL B 154 1.51 -33.84 -3.44
N GLY B 155 1.48 -33.64 -2.13
CA GLY B 155 0.33 -32.98 -1.50
C GLY B 155 0.65 -32.16 -0.25
N ILE B 156 -0.16 -31.14 -0.02
CA ILE B 156 -0.11 -30.38 1.21
C ILE B 156 -1.54 -30.32 1.73
N TYR B 157 -1.73 -30.84 2.93
CA TYR B 157 -3.07 -31.02 3.47
C TYR B 157 -3.22 -30.31 4.79
N ASN B 158 -4.45 -29.90 5.03
CA ASN B 158 -4.89 -29.34 6.27
C ASN B 158 -3.92 -28.27 6.68
N LEU B 159 -3.74 -27.26 5.82
CA LEU B 159 -2.83 -26.14 6.15
C LEU B 159 -3.50 -25.33 7.24
N GLU B 160 -2.74 -25.11 8.31
CA GLU B 160 -3.20 -24.38 9.47
C GLU B 160 -2.18 -23.27 9.76
N TYR B 161 -2.65 -22.18 10.36
CA TYR B 161 -1.76 -21.09 10.63
C TYR B 161 -2.27 -20.26 11.80
N GLU B 162 -1.38 -19.45 12.35
CA GLU B 162 -1.83 -18.47 13.32
C GLU B 162 -0.89 -17.27 13.28
N VAL B 163 -1.42 -16.13 13.71
CA VAL B 163 -0.63 -14.91 13.83
C VAL B 163 -0.66 -14.46 15.28
N ASN B 164 0.50 -14.40 15.92
CA ASN B 164 0.60 -14.05 17.34
C ASN B 164 1.53 -12.87 17.63
#